data_6LFA
#
_entry.id   6LFA
#
_cell.length_a   44.988
_cell.length_b   53.768
_cell.length_c   61.240
_cell.angle_alpha   90.000
_cell.angle_beta   100.793
_cell.angle_gamma   90.000
#
_symmetry.space_group_name_H-M   'C 1 2 1'
#
loop_
_entity.id
_entity.type
_entity.pdbx_description
1 polymer 'Cell wall synthesis protein Wag31'
2 non-polymer 'TRIETHYLENE GLYCOL'
3 water water
#
_entity_poly.entity_id   1
_entity_poly.type   'polypeptide(L)'
_entity_poly.pdbx_seq_one_letter_code
;MAHHHHHHENLFYQGPLTPADVHNVAFSKPPIGKRGYNEDEVDAFLDLVENELTRLIEENSDLRQRINELDQEL
;
_entity_poly.pdbx_strand_id   A,B
#
loop_
_chem_comp.id
_chem_comp.type
_chem_comp.name
_chem_comp.formula
PGE non-polymer 'TRIETHYLENE GLYCOL' 'C6 H14 O4'
#
# COMPACT_ATOMS: atom_id res chain seq x y z
N HIS A 5 10.16 12.81 7.02
CA HIS A 5 10.29 11.47 7.68
C HIS A 5 11.58 10.75 7.29
N HIS A 6 11.94 9.73 8.07
CA HIS A 6 13.18 8.95 7.91
C HIS A 6 12.84 7.50 7.59
N HIS A 7 13.90 6.70 7.41
CA HIS A 7 13.81 5.35 6.84
C HIS A 7 13.60 4.26 7.89
N HIS A 8 13.73 4.55 9.18
CA HIS A 8 13.69 3.48 10.19
C HIS A 8 13.05 3.97 11.48
N GLU A 9 11.99 4.79 11.37
CA GLU A 9 11.16 5.21 12.49
C GLU A 9 10.06 4.19 12.76
N ASN A 10 9.98 3.69 13.99
CA ASN A 10 8.84 2.88 14.43
C ASN A 10 7.66 3.81 14.74
N LEU A 11 6.65 3.82 13.88
CA LEU A 11 5.49 4.68 14.12
C LEU A 11 4.40 3.98 14.90
N PHE A 12 4.66 2.76 15.39
CA PHE A 12 3.70 1.99 16.18
C PHE A 12 2.38 1.84 15.43
N TYR A 13 2.50 1.68 14.11
CA TYR A 13 1.32 1.52 13.26
C TYR A 13 0.76 0.12 13.45
N GLN A 14 -0.57 0.03 13.57
CA GLN A 14 -1.25 -1.26 13.62
C GLN A 14 -2.14 -1.41 12.40
N GLY A 15 -1.85 -2.41 11.60
CA GLY A 15 -2.66 -2.74 10.46
C GLY A 15 -2.12 -4.02 9.92
N PRO A 16 -2.88 -4.69 9.04
CA PRO A 16 -2.51 -6.03 8.57
C PRO A 16 -1.51 -6.08 7.43
N LEU A 17 -1.14 -4.94 6.84
CA LEU A 17 -0.18 -4.89 5.74
C LEU A 17 0.78 -3.73 6.02
N THR A 18 2.06 -4.06 6.22
CA THR A 18 3.09 -3.07 6.49
C THR A 18 4.09 -3.02 5.34
N PRO A 19 4.88 -1.95 5.27
CA PRO A 19 5.93 -1.93 4.24
C PRO A 19 6.83 -3.15 4.31
N ALA A 20 7.18 -3.60 5.51
CA ALA A 20 8.02 -4.81 5.65
C ALA A 20 7.34 -6.03 5.01
N ASP A 21 6.02 -6.18 5.19
CA ASP A 21 5.30 -7.27 4.51
C ASP A 21 5.43 -7.16 3.00
N VAL A 22 5.22 -5.97 2.45
CA VAL A 22 5.34 -5.82 1.01
C VAL A 22 6.75 -6.19 0.57
N HIS A 23 7.75 -5.76 1.34
CA HIS A 23 9.16 -5.98 0.98
C HIS A 23 9.51 -7.45 1.03
N ASN A 24 8.98 -8.18 2.01
CA ASN A 24 9.33 -9.58 2.23
C ASN A 24 8.37 -10.59 1.60
N VAL A 25 7.25 -10.17 1.02
CA VAL A 25 6.31 -11.16 0.49
C VAL A 25 7.04 -12.05 -0.50
N ALA A 26 6.77 -13.35 -0.42
CA ALA A 26 7.33 -14.33 -1.34
C ALA A 26 6.23 -14.98 -2.19
N PHE A 27 6.58 -15.30 -3.44
CA PHE A 27 5.68 -15.98 -4.36
C PHE A 27 6.35 -17.25 -4.85
N SER A 28 5.59 -18.34 -4.87
CA SER A 28 6.08 -19.55 -5.51
C SER A 28 6.01 -19.38 -7.04
N LYS A 29 6.47 -20.42 -7.74
CA LYS A 29 6.32 -20.49 -9.18
C LYS A 29 4.91 -20.96 -9.53
N PRO A 30 4.53 -20.83 -10.79
CA PRO A 30 3.18 -21.20 -11.20
C PRO A 30 2.99 -22.70 -11.16
N PRO A 31 1.75 -23.17 -11.15
CA PRO A 31 1.50 -24.58 -11.46
C PRO A 31 2.16 -24.93 -12.78
N ILE A 32 2.93 -26.02 -12.79
CA ILE A 32 3.43 -26.53 -14.07
C ILE A 32 2.23 -27.07 -14.85
N GLY A 33 2.13 -26.74 -16.13
CA GLY A 33 3.13 -26.07 -16.95
C GLY A 33 2.56 -24.77 -17.47
N LYS A 34 1.73 -24.13 -16.65
CA LYS A 34 1.38 -22.74 -16.85
C LYS A 34 2.58 -21.85 -16.50
N ARG A 35 2.59 -20.65 -17.07
CA ARG A 35 3.57 -19.64 -16.75
C ARG A 35 2.87 -18.53 -15.98
N GLY A 36 3.66 -17.72 -15.32
CA GLY A 36 3.07 -16.74 -14.44
C GLY A 36 3.34 -15.34 -14.88
N TYR A 37 3.49 -14.45 -13.90
CA TYR A 37 3.80 -13.06 -14.15
C TYR A 37 5.31 -12.84 -14.24
N ASN A 38 5.69 -11.97 -15.16
CA ASN A 38 7.05 -11.44 -15.22
C ASN A 38 7.54 -10.97 -13.85
N GLU A 39 8.68 -11.49 -13.41
CA GLU A 39 9.18 -11.20 -12.08
C GLU A 39 9.77 -9.78 -11.99
N ASP A 40 10.45 -9.30 -13.02
CA ASP A 40 10.99 -7.95 -12.98
C ASP A 40 9.88 -6.92 -12.80
N GLU A 41 8.81 -7.05 -13.58
CA GLU A 41 7.69 -6.11 -13.51
C GLU A 41 6.99 -6.17 -12.16
N VAL A 42 6.79 -7.37 -11.64
CA VAL A 42 6.12 -7.47 -10.35
C VAL A 42 7.01 -6.88 -9.25
N ASP A 43 8.30 -7.25 -9.24
CA ASP A 43 9.25 -6.66 -8.27
C ASP A 43 9.21 -5.13 -8.30
N ALA A 44 9.32 -4.54 -9.49
CA ALA A 44 9.31 -3.07 -9.59
C ALA A 44 7.99 -2.48 -9.10
N PHE A 45 6.87 -3.10 -9.49
CA PHE A 45 5.58 -2.61 -9.01
C PHE A 45 5.49 -2.68 -7.48
N LEU A 46 6.03 -3.75 -6.88
CA LEU A 46 5.89 -3.90 -5.43
C LEU A 46 6.81 -2.93 -4.69
N ASP A 47 7.90 -2.50 -5.33
CA ASP A 47 8.69 -1.41 -4.75
C ASP A 47 7.87 -0.13 -4.72
N LEU A 48 7.16 0.18 -5.80
CA LEU A 48 6.29 1.35 -5.75
C LEU A 48 5.24 1.19 -4.66
N VAL A 49 4.70 -0.03 -4.52
CA VAL A 49 3.72 -0.28 -3.46
C VAL A 49 4.34 -0.03 -2.10
N GLU A 50 5.56 -0.51 -1.88
CA GLU A 50 6.19 -0.31 -0.59
C GLU A 50 6.34 1.17 -0.31
N ASN A 51 6.71 1.94 -1.34
CA ASN A 51 6.89 3.38 -1.14
C ASN A 51 5.57 4.08 -0.82
N GLU A 52 4.50 3.78 -1.56
CA GLU A 52 3.22 4.44 -1.33
C GLU A 52 2.64 4.06 0.03
N LEU A 53 2.75 2.79 0.41
CA LEU A 53 2.25 2.38 1.72
C LEU A 53 3.02 3.08 2.85
N THR A 54 4.34 3.18 2.68
CA THR A 54 5.13 3.92 3.64
C THR A 54 4.64 5.35 3.77
N ARG A 55 4.43 6.03 2.63
CA ARG A 55 4.00 7.42 2.69
C ARG A 55 2.63 7.57 3.37
N LEU A 56 1.71 6.66 3.09
CA LEU A 56 0.37 6.81 3.66
C LEU A 56 0.38 6.52 5.15
N ILE A 57 1.18 5.54 5.59
CA ILE A 57 1.31 5.30 7.03
C ILE A 57 1.98 6.49 7.71
N GLU A 58 2.93 7.13 7.03
CA GLU A 58 3.57 8.31 7.62
C GLU A 58 2.59 9.47 7.70
N GLU A 59 1.77 9.61 6.68
CA GLU A 59 0.74 10.64 6.71
C GLU A 59 -0.27 10.36 7.82
N ASN A 60 -0.69 9.11 7.94
CA ASN A 60 -1.59 8.69 9.02
C ASN A 60 -1.03 9.10 10.40
N SER A 61 0.25 8.83 10.61
CA SER A 61 0.86 9.10 11.91
C SER A 61 0.96 10.60 12.16
N ASP A 62 1.28 11.38 11.14
CA ASP A 62 1.37 12.82 11.34
C ASP A 62 0.01 13.44 11.60
N LEU A 63 -1.03 13.01 10.88
CA LEU A 63 -2.36 13.54 11.15
C LEU A 63 -2.78 13.18 12.57
N ARG A 64 -2.41 11.99 13.06
CA ARG A 64 -2.76 11.66 14.43
C ARG A 64 -1.97 12.49 15.45
N GLN A 65 -0.68 12.69 15.21
CA GLN A 65 0.08 13.57 16.10
C GLN A 65 -0.52 14.96 16.12
N ARG A 66 -0.92 15.48 14.96
CA ARG A 66 -1.49 16.81 14.94
C ARG A 66 -2.80 16.85 15.68
N ILE A 67 -3.58 15.77 15.61
CA ILE A 67 -4.84 15.78 16.31
C ILE A 67 -4.60 15.73 17.81
N ASN A 68 -3.56 15.03 18.24
CA ASN A 68 -3.26 15.01 19.68
C ASN A 68 -2.82 16.39 20.15
N GLU A 69 -2.02 17.09 19.34
CA GLU A 69 -1.56 18.41 19.73
C GLU A 69 -2.71 19.40 19.78
N LEU A 70 -3.58 19.37 18.78
CA LEU A 70 -4.80 20.16 18.85
C LEU A 70 -5.61 19.82 20.10
N ASP A 71 -5.88 18.53 20.32
CA ASP A 71 -6.67 18.14 21.48
C ASP A 71 -6.03 18.63 22.77
N GLN A 72 -4.72 18.88 22.74
CA GLN A 72 -4.05 19.50 23.88
C GLN A 72 -4.37 20.98 23.95
N GLU A 73 -4.32 21.68 22.82
CA GLU A 73 -4.63 23.10 22.78
C GLU A 73 -6.08 23.43 23.11
N LEU A 74 -6.99 22.47 23.02
CA LEU A 74 -8.41 22.74 23.23
C LEU A 74 -8.82 22.51 24.68
N HIS B 7 -17.49 6.17 -6.90
CA HIS B 7 -16.38 5.46 -7.64
C HIS B 7 -15.87 6.26 -8.85
N HIS B 8 -16.64 7.24 -9.33
CA HIS B 8 -16.30 7.88 -10.60
C HIS B 8 -16.37 9.40 -10.50
N GLU B 9 -15.95 9.97 -9.36
CA GLU B 9 -15.93 11.43 -9.17
C GLU B 9 -14.88 11.85 -8.13
N PRO B 16 1.34 9.29 -6.29
CA PRO B 16 2.44 8.45 -6.80
C PRO B 16 1.95 7.08 -7.29
N LEU B 17 1.24 6.37 -6.41
CA LEU B 17 0.53 5.15 -6.76
C LEU B 17 -0.85 5.19 -6.15
N THR B 18 -1.87 4.89 -6.94
CA THR B 18 -3.25 4.91 -6.47
C THR B 18 -3.81 3.49 -6.33
N PRO B 19 -4.88 3.33 -5.55
CA PRO B 19 -5.57 2.03 -5.54
C PRO B 19 -5.94 1.56 -6.94
N ALA B 20 -6.47 2.48 -7.73
CA ALA B 20 -6.77 2.20 -9.12
C ALA B 20 -5.56 1.67 -9.87
N ASP B 21 -4.37 2.25 -9.62
CA ASP B 21 -3.20 1.69 -10.30
C ASP B 21 -2.96 0.23 -9.94
N VAL B 22 -3.27 -0.16 -8.71
CA VAL B 22 -3.07 -1.54 -8.31
C VAL B 22 -4.13 -2.40 -8.96
N HIS B 23 -5.34 -1.90 -9.00
CA HIS B 23 -6.45 -2.61 -9.62
C HIS B 23 -6.16 -2.88 -11.08
N ASN B 24 -5.56 -1.92 -11.76
CA ASN B 24 -5.37 -1.97 -13.21
C ASN B 24 -4.04 -2.53 -13.66
N VAL B 25 -3.02 -2.63 -12.78
CA VAL B 25 -1.70 -3.05 -13.27
C VAL B 25 -1.86 -4.35 -14.04
N ALA B 26 -1.11 -4.45 -15.14
CA ALA B 26 -1.11 -5.63 -15.98
C ALA B 26 0.35 -6.05 -16.25
N PHE B 27 0.67 -7.32 -16.00
CA PHE B 27 2.03 -7.83 -16.16
C PHE B 27 2.11 -8.74 -17.38
N SER B 28 3.24 -8.69 -18.07
CA SER B 28 3.48 -9.59 -19.18
C SER B 28 3.89 -10.97 -18.68
N LYS B 29 4.18 -11.83 -19.63
CA LYS B 29 4.71 -13.13 -19.30
C LYS B 29 6.20 -13.04 -19.01
N PRO B 30 6.76 -14.05 -18.35
CA PRO B 30 8.21 -14.09 -18.15
C PRO B 30 8.91 -14.23 -19.50
N PRO B 31 10.19 -13.94 -19.55
CA PRO B 31 10.93 -14.22 -20.77
C PRO B 31 10.80 -15.68 -21.16
N ILE B 32 10.91 -15.95 -22.47
CA ILE B 32 11.17 -17.30 -22.94
C ILE B 32 12.44 -17.83 -22.28
N GLY B 33 12.44 -19.09 -21.84
CA GLY B 33 11.29 -19.83 -21.38
C GLY B 33 11.50 -19.90 -19.89
N LYS B 34 11.13 -18.81 -19.21
CA LYS B 34 11.11 -18.71 -17.76
C LYS B 34 9.69 -18.95 -17.27
N ARG B 35 9.54 -19.04 -15.95
CA ARG B 35 8.28 -19.45 -15.37
C ARG B 35 7.55 -18.34 -14.62
N GLY B 36 8.29 -17.48 -13.93
CA GLY B 36 7.68 -16.32 -13.28
C GLY B 36 7.03 -16.63 -11.95
N TYR B 37 6.24 -15.66 -11.47
CA TYR B 37 5.51 -15.74 -10.20
C TYR B 37 4.09 -16.29 -10.38
N ASN B 38 3.70 -17.22 -9.50
CA ASN B 38 2.32 -17.69 -9.38
C ASN B 38 1.31 -16.54 -9.41
N GLU B 39 0.32 -16.65 -10.30
CA GLU B 39 -0.57 -15.52 -10.57
C GLU B 39 -1.70 -15.42 -9.55
N ASP B 40 -2.13 -16.55 -9.00
CA ASP B 40 -3.14 -16.52 -7.94
C ASP B 40 -2.61 -15.83 -6.71
N GLU B 41 -1.34 -16.10 -6.36
CA GLU B 41 -0.71 -15.51 -5.19
C GLU B 41 -0.53 -14.01 -5.36
N VAL B 42 0.00 -13.60 -6.51
CA VAL B 42 0.18 -12.19 -6.78
C VAL B 42 -1.16 -11.47 -6.80
N ASP B 43 -2.14 -12.06 -7.48
CA ASP B 43 -3.49 -11.48 -7.48
C ASP B 43 -4.00 -11.28 -6.04
N ALA B 44 -3.96 -12.33 -5.21
CA ALA B 44 -4.56 -12.21 -3.89
C ALA B 44 -3.82 -11.16 -3.06
N PHE B 45 -2.50 -11.09 -3.20
CA PHE B 45 -1.75 -10.10 -2.45
C PHE B 45 -2.05 -8.68 -2.95
N LEU B 46 -2.20 -8.50 -4.25
CA LEU B 46 -2.52 -7.19 -4.78
C LEU B 46 -3.92 -6.77 -4.35
N ASP B 47 -4.83 -7.72 -4.13
CA ASP B 47 -6.14 -7.35 -3.62
CA ASP B 47 -6.14 -7.34 -3.61
C ASP B 47 -6.03 -6.81 -2.19
N LEU B 48 -5.26 -7.48 -1.34
CA LEU B 48 -5.00 -6.89 -0.02
C LEU B 48 -4.40 -5.50 -0.15
N VAL B 49 -3.39 -5.34 -1.01
CA VAL B 49 -2.77 -4.02 -1.23
C VAL B 49 -3.83 -2.98 -1.59
N GLU B 50 -4.60 -3.24 -2.64
CA GLU B 50 -5.62 -2.30 -3.08
C GLU B 50 -6.55 -1.93 -1.93
N ASN B 51 -7.05 -2.95 -1.19
CA ASN B 51 -7.92 -2.68 -0.04
C ASN B 51 -7.25 -1.77 0.99
N GLU B 52 -5.99 -2.03 1.32
CA GLU B 52 -5.38 -1.28 2.41
C GLU B 52 -5.00 0.14 1.98
N LEU B 53 -4.52 0.33 0.75
CA LEU B 53 -4.33 1.70 0.28
C LEU B 53 -5.65 2.47 0.32
N THR B 54 -6.72 1.86 -0.20
CA THR B 54 -8.01 2.55 -0.20
C THR B 54 -8.41 2.94 1.23
N ARG B 55 -8.32 1.99 2.16
CA ARG B 55 -8.76 2.27 3.53
C ARG B 55 -7.88 3.34 4.18
N LEU B 56 -6.58 3.33 3.90
CA LEU B 56 -5.74 4.31 4.56
C LEU B 56 -6.01 5.69 4.00
N ILE B 57 -6.28 5.78 2.69
CA ILE B 57 -6.60 7.07 2.08
C ILE B 57 -7.90 7.64 2.65
N GLU B 58 -8.93 6.78 2.78
CA GLU B 58 -10.20 7.20 3.37
C GLU B 58 -10.00 7.64 4.82
N GLU B 59 -9.26 6.85 5.59
CA GLU B 59 -9.06 7.18 7.00
C GLU B 59 -8.23 8.44 7.15
N ASN B 60 -7.22 8.62 6.30
CA ASN B 60 -6.42 9.83 6.34
C ASN B 60 -7.30 11.05 6.08
N SER B 61 -8.19 10.96 5.08
CA SER B 61 -9.08 12.09 4.81
C SER B 61 -10.04 12.34 6.00
N ASP B 62 -10.45 11.29 6.70
CA ASP B 62 -11.26 11.52 7.90
C ASP B 62 -10.48 12.22 9.02
N LEU B 63 -9.23 11.82 9.24
CA LEU B 63 -8.39 12.54 10.19
C LEU B 63 -8.24 14.01 9.78
N ARG B 64 -8.05 14.27 8.48
CA ARG B 64 -7.91 15.63 7.97
C ARG B 64 -9.19 16.43 8.19
N GLN B 65 -10.34 15.78 8.02
CA GLN B 65 -11.61 16.43 8.30
C GLN B 65 -11.70 16.80 9.78
N ARG B 66 -11.29 15.88 10.64
CA ARG B 66 -11.31 16.16 12.07
C ARG B 66 -10.38 17.31 12.41
N ILE B 67 -9.24 17.37 11.72
CA ILE B 67 -8.31 18.46 11.95
C ILE B 67 -8.96 19.77 11.57
N ASN B 68 -9.65 19.77 10.44
CA ASN B 68 -10.36 20.97 10.01
C ASN B 68 -11.36 21.42 11.07
N GLU B 69 -12.16 20.48 11.57
CA GLU B 69 -13.13 20.82 12.60
C GLU B 69 -12.44 21.41 13.82
N LEU B 70 -11.25 20.89 14.15
CA LEU B 70 -10.60 21.35 15.37
C LEU B 70 -9.99 22.73 15.16
N ASP B 71 -9.46 22.99 13.97
CA ASP B 71 -8.92 24.32 13.70
C ASP B 71 -10.01 25.37 13.73
N GLN B 72 -11.19 25.03 13.20
CA GLN B 72 -12.31 25.96 13.25
C GLN B 72 -12.69 26.33 14.67
N GLU B 73 -12.38 25.47 15.63
CA GLU B 73 -12.64 25.73 17.03
C GLU B 73 -11.48 26.42 17.71
N LEU B 74 -10.41 26.70 16.99
CA LEU B 74 -9.26 27.38 17.57
C LEU B 74 -9.33 28.87 17.31
C1 PGE C . 0.93 -9.93 8.62
O1 PGE C . 2.21 -9.98 9.26
C2 PGE C . 1.15 -10.05 7.12
O2 PGE C . -0.07 -10.23 6.43
C3 PGE C . -0.05 -9.83 5.07
C4 PGE C . 0.46 -10.95 4.17
O4 PGE C . 5.19 -11.19 4.72
C6 PGE C . 4.13 -11.16 3.76
C5 PGE C . 2.83 -10.97 4.52
O3 PGE C . 1.76 -10.66 3.66
H1 PGE C . 0.28 -10.76 8.94
H12 PGE C . 0.40 -8.99 8.81
HO1 PGE C . 2.63 -10.83 9.07
H2 PGE C . 1.81 -10.92 6.93
H22 PGE C . 1.67 -9.15 6.77
H3 PGE C . -1.06 -9.55 4.72
H32 PGE C . 0.60 -8.95 4.93
H4 PGE C . -0.25 -11.10 3.34
H42 PGE C . 0.49 -11.88 4.76
HO4 PGE C . 5.74 -11.97 4.53
H6 PGE C . 4.06 -12.10 3.18
H62 PGE C . 4.24 -10.33 3.05
H5 PGE C . 2.97 -10.17 5.26
H52 PGE C . 2.61 -11.90 5.08
#